data_6M9T
#
_entry.id   6M9T
#
_cell.length_a   120.800
_cell.length_b   54.850
_cell.length_c   96.800
_cell.angle_alpha   90.00
_cell.angle_beta   95.83
_cell.angle_gamma   90.00
#
_symmetry.space_group_name_H-M   'C 1 2 1'
#
loop_
_entity.id
_entity.type
_entity.pdbx_description
1 polymer 'Prostaglandin E2 receptor EP3 subtype, Endolysin chimera'
2 non-polymer '(11alpha,12alpha,13E,16S)-11,16-dihydroxy-16-methyl-9-oxoprost-13-en-1-oic acid'
3 non-polymer 'SULFATE ION'
4 non-polymer '(2R)-2,3-dihydroxypropyl (9Z)-octadec-9-enoate'
5 non-polymer 'OLEIC ACID'
6 water water
#
_entity_poly.entity_id   1
_entity_poly.type   'polypeptide(L)'
_entity_poly.pdbx_seq_one_letter_code
;VFADYKDDDDGAPKETRGYGGDAPFCTRLNHSYTGMWAPERSAEARGNLTRPPGSGEDCGSVSVAFPITMLLTGFVGNAL
AMLLVSRSYRRRESKRKKSFLLCIGWLALTDLVGQLLTTPVVIVVYLSKQRWEHIDPSGRLCTFFGLTMTVFGLSSLFIA
SAMAVERALAIRAPHWYASHMKTRATRAVLLGVWLAVLAFALLPVLGVGQYTVQWPGTWCFISTGRGGNGTSSSHNWGNL
FFASAFAFLGLLALTVTFSCNLATIKALVSRGSNIFEMLRIDEGLRLKIYKDTEGYYTIGIGHLLTKSPSLNAAKSELDK
AIGRNTNGVITKDEAEKLFNQDVDATVRGILRNAKLKPVYDSLDAVRRAALINMVFQMGETGVAGFTNSLRMLQQKRWDE
AAVNLAKSRWYNQTPNRAKRVITTFRTGTWDAYGSWGRITTETAIQLMAIMCVLSVCWSPLLIMMLKMIFNQTSVEHCKT
HTEKQKECNFFLIAVRLASLNQILDPWVYLLLRKILGRPLEVLFQGPHHHHHHHHHH
;
_entity_poly.pdbx_strand_id   A
#
# COMPACT_ATOMS: atom_id res chain seq x y z
N ASP A 58 20.66 -21.42 -29.57
CA ASP A 58 21.21 -20.08 -29.43
C ASP A 58 22.37 -20.05 -28.42
N CYS A 59 23.63 -19.98 -28.95
CA CYS A 59 24.88 -19.93 -28.17
C CYS A 59 24.97 -18.73 -27.22
N GLY A 60 24.27 -17.65 -27.56
CA GLY A 60 24.22 -16.42 -26.78
C GLY A 60 23.39 -16.55 -25.52
N SER A 61 22.12 -17.00 -25.67
CA SER A 61 21.18 -17.18 -24.56
C SER A 61 21.63 -18.19 -23.52
N VAL A 62 22.32 -19.27 -23.96
CA VAL A 62 22.83 -20.30 -23.06
C VAL A 62 24.22 -19.86 -22.59
N SER A 63 24.30 -19.30 -21.37
CA SER A 63 25.54 -18.80 -20.76
C SER A 63 25.40 -18.75 -19.23
N VAL A 64 26.48 -19.12 -18.52
CA VAL A 64 26.54 -19.10 -17.06
C VAL A 64 26.58 -17.66 -16.52
N ALA A 65 26.88 -16.68 -17.40
CA ALA A 65 26.95 -15.25 -17.04
C ALA A 65 25.60 -14.70 -16.60
N PHE A 66 24.48 -15.24 -17.12
CA PHE A 66 23.13 -14.79 -16.74
C PHE A 66 22.80 -15.13 -15.27
N PRO A 67 22.79 -16.43 -14.83
CA PRO A 67 22.50 -16.70 -13.41
C PRO A 67 23.47 -16.05 -12.42
N ILE A 68 24.79 -15.95 -12.75
CA ILE A 68 25.79 -15.35 -11.87
C ILE A 68 25.48 -13.87 -11.57
N THR A 69 25.29 -13.05 -12.62
CA THR A 69 24.99 -11.63 -12.47
C THR A 69 23.60 -11.40 -11.86
N MET A 70 22.63 -12.29 -12.19
CA MET A 70 21.26 -12.21 -11.67
C MET A 70 21.22 -12.47 -10.18
N LEU A 71 21.93 -13.51 -9.71
CA LEU A 71 22.02 -13.86 -8.31
C LEU A 71 22.73 -12.75 -7.56
N LEU A 72 23.85 -12.25 -8.11
CA LEU A 72 24.63 -11.18 -7.48
C LEU A 72 23.79 -9.93 -7.22
N THR A 73 23.13 -9.39 -8.26
CA THR A 73 22.31 -8.18 -8.19
C THR A 73 21.10 -8.39 -7.27
N GLY A 74 20.43 -9.53 -7.44
CA GLY A 74 19.28 -9.90 -6.61
C GLY A 74 19.61 -10.01 -5.13
N PHE A 75 20.77 -10.64 -4.81
CA PHE A 75 21.25 -10.84 -3.44
C PHE A 75 21.53 -9.54 -2.71
N VAL A 76 22.35 -8.65 -3.30
CA VAL A 76 22.73 -7.36 -2.73
C VAL A 76 21.50 -6.50 -2.43
N GLY A 77 20.68 -6.29 -3.45
CA GLY A 77 19.45 -5.51 -3.36
C GLY A 77 18.52 -5.97 -2.26
N ASN A 78 18.13 -7.26 -2.28
CA ASN A 78 17.20 -7.84 -1.30
C ASN A 78 17.77 -7.95 0.12
N ALA A 79 19.09 -8.25 0.28
CA ALA A 79 19.69 -8.32 1.62
C ALA A 79 19.79 -6.93 2.25
N LEU A 80 20.02 -5.89 1.41
CA LEU A 80 20.11 -4.51 1.89
C LEU A 80 18.74 -3.91 2.19
N ALA A 81 17.71 -4.24 1.37
CA ALA A 81 16.32 -3.79 1.57
C ALA A 81 15.85 -4.26 2.94
N MET A 82 16.15 -5.52 3.32
CA MET A 82 15.81 -6.13 4.60
C MET A 82 16.50 -5.39 5.76
N LEU A 83 17.78 -5.00 5.56
CA LEU A 83 18.59 -4.30 6.56
C LEU A 83 18.05 -2.90 6.85
N LEU A 84 17.56 -2.19 5.81
CA LEU A 84 17.01 -0.84 5.95
C LEU A 84 15.61 -0.82 6.56
N VAL A 85 14.79 -1.85 6.25
CA VAL A 85 13.43 -2.06 6.77
C VAL A 85 13.49 -2.30 8.29
N SER A 86 14.45 -3.14 8.76
CA SER A 86 14.68 -3.47 10.17
C SER A 86 15.07 -2.24 10.99
N ARG A 87 15.88 -1.35 10.40
CA ARG A 87 16.36 -0.12 11.01
C ARG A 87 15.23 0.94 11.08
N SER A 88 14.31 0.93 10.10
CA SER A 88 13.20 1.87 9.98
C SER A 88 11.89 1.44 10.67
N TYR A 89 11.72 0.14 11.02
CA TYR A 89 10.50 -0.38 11.66
C TYR A 89 10.58 -0.47 13.19
N ARG A 90 11.69 -1.03 13.72
CA ARG A 90 11.93 -1.24 15.15
C ARG A 90 12.07 0.06 15.98
N ARG A 91 11.98 1.23 15.31
CA ARG A 91 12.12 2.56 15.90
C ARG A 91 11.08 2.91 17.00
N ARG A 92 9.83 2.39 16.87
CA ARG A 92 8.68 2.65 17.77
C ARG A 92 8.41 4.16 17.89
N GLU A 93 7.83 4.76 16.82
CA GLU A 93 7.56 6.19 16.71
C GLU A 93 6.09 6.58 16.97
N SER A 94 5.34 6.97 15.90
CA SER A 94 3.95 7.40 16.00
C SER A 94 3.03 6.81 14.93
N LYS A 95 3.48 6.79 13.65
CA LYS A 95 2.66 6.26 12.56
C LYS A 95 2.58 4.74 12.57
N ARG A 96 1.39 4.22 12.25
CA ARG A 96 1.09 2.79 12.20
C ARG A 96 1.32 2.23 10.78
N LYS A 97 2.08 2.98 9.93
CA LYS A 97 2.46 2.55 8.58
C LYS A 97 3.63 1.55 8.63
N LYS A 98 3.78 0.88 9.79
CA LYS A 98 4.75 -0.17 10.06
C LYS A 98 4.40 -1.38 9.20
N SER A 99 3.10 -1.51 8.82
CA SER A 99 2.57 -2.56 7.95
C SER A 99 3.09 -2.44 6.52
N PHE A 100 3.39 -1.20 6.05
CA PHE A 100 3.95 -0.97 4.71
C PHE A 100 5.41 -1.44 4.70
N LEU A 101 6.13 -1.24 5.83
CA LEU A 101 7.51 -1.70 6.01
C LEU A 101 7.52 -3.21 6.12
N LEU A 102 6.52 -3.76 6.85
CA LEU A 102 6.31 -5.20 7.07
C LEU A 102 6.15 -5.96 5.75
N CYS A 103 5.40 -5.38 4.78
CA CYS A 103 5.17 -5.97 3.46
C CYS A 103 6.44 -5.95 2.57
N ILE A 104 7.18 -4.80 2.55
CA ILE A 104 8.43 -4.60 1.79
C ILE A 104 9.49 -5.55 2.32
N GLY A 105 9.60 -5.64 3.65
CA GLY A 105 10.53 -6.51 4.34
C GLY A 105 10.29 -7.97 4.03
N TRP A 106 9.00 -8.37 3.98
CA TRP A 106 8.56 -9.72 3.64
C TRP A 106 8.81 -9.99 2.15
N LEU A 107 8.61 -8.97 1.28
CA LEU A 107 8.83 -9.06 -0.16
C LEU A 107 10.33 -9.30 -0.45
N ALA A 108 11.24 -8.56 0.24
CA ALA A 108 12.68 -8.71 0.08
C ALA A 108 13.11 -10.11 0.47
N LEU A 109 12.60 -10.65 1.60
CA LEU A 109 12.88 -12.00 2.08
C LEU A 109 12.39 -13.05 1.06
N THR A 110 11.12 -12.91 0.59
CA THR A 110 10.50 -13.78 -0.42
C THR A 110 11.36 -13.81 -1.69
N ASP A 111 11.83 -12.65 -2.14
CA ASP A 111 12.66 -12.55 -3.36
C ASP A 111 14.04 -13.18 -3.17
N LEU A 112 14.71 -12.91 -2.03
CA LEU A 112 16.04 -13.42 -1.71
C LEU A 112 16.10 -14.94 -1.62
N VAL A 113 15.14 -15.56 -0.89
CA VAL A 113 15.07 -17.02 -0.68
C VAL A 113 14.82 -17.74 -2.02
N GLY A 114 13.94 -17.16 -2.85
CA GLY A 114 13.61 -17.68 -4.18
C GLY A 114 14.79 -17.74 -5.13
N GLN A 115 15.76 -16.85 -4.93
CA GLN A 115 16.98 -16.78 -5.74
C GLN A 115 18.05 -17.73 -5.18
N LEU A 116 18.17 -17.79 -3.84
CA LEU A 116 19.13 -18.67 -3.15
C LEU A 116 18.83 -20.16 -3.36
N LEU A 117 17.54 -20.53 -3.49
CA LEU A 117 17.11 -21.91 -3.67
C LEU A 117 17.17 -22.41 -5.13
N THR A 118 17.05 -21.49 -6.11
CA THR A 118 17.04 -21.84 -7.53
C THR A 118 18.41 -21.74 -8.22
N THR A 119 19.05 -20.54 -8.21
CA THR A 119 20.31 -20.24 -8.91
C THR A 119 21.48 -21.22 -8.64
N PRO A 120 21.86 -21.63 -7.40
CA PRO A 120 23.02 -22.55 -7.25
C PRO A 120 22.89 -23.86 -8.03
N VAL A 121 21.65 -24.39 -8.15
CA VAL A 121 21.34 -25.61 -8.92
C VAL A 121 21.65 -25.36 -10.41
N VAL A 122 21.14 -24.23 -10.96
CA VAL A 122 21.35 -23.78 -12.35
C VAL A 122 22.85 -23.62 -12.64
N ILE A 123 23.62 -23.06 -11.69
CA ILE A 123 25.09 -22.91 -11.82
C ILE A 123 25.74 -24.29 -11.93
N VAL A 124 25.40 -25.21 -11.00
CA VAL A 124 25.93 -26.58 -10.93
C VAL A 124 25.71 -27.37 -12.23
N VAL A 125 24.50 -27.29 -12.83
CA VAL A 125 24.22 -28.03 -14.08
C VAL A 125 25.06 -27.47 -15.25
N TYR A 126 25.34 -26.15 -15.29
CA TYR A 126 26.19 -25.53 -16.33
C TYR A 126 27.64 -26.03 -16.21
N LEU A 127 28.15 -26.10 -14.96
CA LEU A 127 29.51 -26.54 -14.64
C LEU A 127 29.74 -28.01 -14.98
N SER A 128 28.69 -28.85 -14.82
CA SER A 128 28.71 -30.28 -15.11
C SER A 128 28.57 -30.60 -16.62
N LYS A 129 28.37 -29.55 -17.45
CA LYS A 129 28.17 -29.55 -18.90
C LYS A 129 26.77 -30.08 -19.27
N GLN A 130 25.75 -29.35 -18.76
CA GLN A 130 24.30 -29.58 -18.89
C GLN A 130 23.87 -31.01 -18.50
N ARG A 131 22.82 -31.57 -19.16
CA ARG A 131 22.24 -32.90 -18.90
C ARG A 131 21.71 -32.97 -17.46
N TRP A 132 20.59 -32.27 -17.21
CA TRP A 132 19.90 -32.18 -15.91
C TRP A 132 19.54 -33.58 -15.41
N GLU A 133 19.06 -34.45 -16.33
CA GLU A 133 18.65 -35.83 -16.10
C GLU A 133 19.79 -36.71 -15.56
N HIS A 134 21.05 -36.31 -15.81
CA HIS A 134 22.24 -37.03 -15.33
C HIS A 134 22.46 -36.70 -13.87
N ILE A 135 22.41 -35.39 -13.53
CA ILE A 135 22.58 -34.87 -12.17
C ILE A 135 21.38 -35.23 -11.27
N ASP A 136 20.19 -35.44 -11.89
CA ASP A 136 18.95 -35.78 -11.20
C ASP A 136 18.22 -36.95 -11.92
N PRO A 137 18.67 -38.23 -11.76
CA PRO A 137 17.98 -39.34 -12.44
C PRO A 137 16.57 -39.58 -11.91
N SER A 138 16.36 -39.36 -10.60
CA SER A 138 15.05 -39.41 -9.93
C SER A 138 14.41 -38.04 -10.13
N GLY A 139 13.10 -37.94 -9.93
CA GLY A 139 12.39 -36.68 -10.14
C GLY A 139 12.38 -35.68 -9.00
N ARG A 140 13.16 -35.92 -7.93
CA ARG A 140 13.21 -35.07 -6.72
C ARG A 140 13.62 -33.60 -6.99
N LEU A 141 14.85 -33.34 -7.48
CA LEU A 141 15.31 -31.96 -7.73
C LEU A 141 14.49 -31.19 -8.76
N CYS A 142 13.99 -31.86 -9.81
CA CYS A 142 13.17 -31.21 -10.84
C CYS A 142 11.80 -30.78 -10.31
N THR A 143 11.10 -31.65 -9.56
CA THR A 143 9.80 -31.30 -8.97
C THR A 143 9.99 -30.22 -7.91
N PHE A 144 11.06 -30.35 -7.09
CA PHE A 144 11.41 -29.35 -6.06
C PHE A 144 11.68 -28.00 -6.70
N PHE A 145 12.51 -27.97 -7.77
CA PHE A 145 12.86 -26.75 -8.52
C PHE A 145 11.61 -26.13 -9.11
N GLY A 146 10.73 -26.96 -9.67
CA GLY A 146 9.46 -26.52 -10.23
C GLY A 146 8.59 -25.89 -9.17
N LEU A 147 8.52 -26.55 -7.97
CA LEU A 147 7.78 -26.06 -6.81
C LEU A 147 8.33 -24.71 -6.33
N THR A 148 9.66 -24.64 -6.01
CA THR A 148 10.31 -23.42 -5.52
C THR A 148 10.18 -22.25 -6.52
N MET A 149 10.18 -22.52 -7.84
CA MET A 149 9.99 -21.49 -8.87
C MET A 149 8.55 -20.95 -8.85
N THR A 150 7.55 -21.85 -8.72
CA THR A 150 6.13 -21.49 -8.72
C THR A 150 5.69 -20.82 -7.40
N VAL A 151 6.05 -21.38 -6.23
CA VAL A 151 5.65 -20.80 -4.93
C VAL A 151 6.23 -19.37 -4.77
N PHE A 152 7.53 -19.18 -5.01
CA PHE A 152 8.16 -17.86 -4.87
C PHE A 152 7.79 -16.89 -6.00
N GLY A 153 7.35 -17.41 -7.15
CA GLY A 153 6.91 -16.62 -8.30
C GLY A 153 5.56 -15.98 -8.08
N LEU A 154 4.57 -16.77 -7.60
CA LEU A 154 3.21 -16.30 -7.30
C LEU A 154 3.19 -15.44 -6.04
N SER A 155 4.01 -15.79 -5.02
CA SER A 155 4.10 -15.03 -3.76
C SER A 155 4.48 -13.57 -4.03
N SER A 156 5.51 -13.34 -4.89
CA SER A 156 5.95 -11.99 -5.28
C SER A 156 4.80 -11.19 -5.89
N LEU A 157 4.03 -11.80 -6.82
CA LEU A 157 2.89 -11.16 -7.49
C LEU A 157 1.73 -10.87 -6.54
N PHE A 158 1.43 -11.78 -5.59
CA PHE A 158 0.33 -11.58 -4.64
C PHE A 158 0.68 -10.58 -3.53
N ILE A 159 1.97 -10.49 -3.11
CA ILE A 159 2.42 -9.50 -2.12
C ILE A 159 2.34 -8.11 -2.81
N ALA A 160 2.74 -8.03 -4.10
CA ALA A 160 2.66 -6.80 -4.89
C ALA A 160 1.20 -6.32 -4.99
N SER A 161 0.24 -7.27 -5.07
CA SER A 161 -1.19 -7.02 -5.13
C SER A 161 -1.75 -6.62 -3.79
N ALA A 162 -1.29 -7.26 -2.69
CA ALA A 162 -1.73 -6.95 -1.32
C ALA A 162 -1.40 -5.49 -0.97
N MET A 163 -0.18 -5.04 -1.34
CA MET A 163 0.28 -3.68 -1.15
C MET A 163 -0.59 -2.71 -1.96
N ALA A 164 -0.85 -3.04 -3.24
CA ALA A 164 -1.69 -2.24 -4.13
C ALA A 164 -3.09 -2.00 -3.51
N VAL A 165 -3.73 -3.08 -2.99
CA VAL A 165 -5.05 -3.07 -2.35
C VAL A 165 -5.03 -2.24 -1.06
N GLU A 166 -3.98 -2.41 -0.23
CA GLU A 166 -3.84 -1.68 1.03
C GLU A 166 -3.72 -0.16 0.83
N ARG A 167 -2.84 0.29 -0.11
CA ARG A 167 -2.64 1.70 -0.44
C ARG A 167 -3.95 2.31 -0.93
N ALA A 168 -4.68 1.60 -1.82
CA ALA A 168 -5.97 2.04 -2.36
C ALA A 168 -7.01 2.26 -1.25
N LEU A 169 -7.08 1.33 -0.27
CA LEU A 169 -8.02 1.41 0.87
C LEU A 169 -7.71 2.60 1.78
N ALA A 170 -6.41 2.86 2.02
CA ALA A 170 -5.91 3.94 2.87
C ALA A 170 -6.30 5.34 2.37
N ILE A 171 -6.37 5.52 1.04
CA ILE A 171 -6.67 6.81 0.41
C ILE A 171 -8.16 6.95 0.00
N ARG A 172 -8.78 5.88 -0.50
CA ARG A 172 -10.19 5.93 -0.95
C ARG A 172 -11.19 5.88 0.20
N ALA A 173 -10.82 5.23 1.33
CA ALA A 173 -11.64 5.14 2.55
C ALA A 173 -10.74 5.41 3.79
N PRO A 174 -10.24 6.66 3.97
CA PRO A 174 -9.32 6.94 5.10
C PRO A 174 -9.87 6.77 6.52
N HIS A 175 -11.19 6.97 6.72
CA HIS A 175 -11.79 6.84 8.04
C HIS A 175 -11.85 5.37 8.48
N TRP A 176 -12.38 4.49 7.61
CA TRP A 176 -12.48 3.05 7.86
C TRP A 176 -11.09 2.40 8.03
N TYR A 177 -10.08 2.86 7.26
CA TYR A 177 -8.72 2.34 7.32
C TYR A 177 -8.05 2.56 8.68
N ALA A 178 -8.16 3.78 9.23
CA ALA A 178 -7.56 4.17 10.52
C ALA A 178 -8.09 3.38 11.72
N SER A 179 -9.41 3.06 11.72
CA SER A 179 -10.04 2.34 12.83
C SER A 179 -9.97 0.81 12.68
N HIS A 180 -10.11 0.28 11.45
CA HIS A 180 -10.06 -1.17 11.19
C HIS A 180 -8.74 -1.58 10.53
N MET A 181 -7.77 -2.10 11.33
CA MET A 181 -6.46 -2.59 10.85
C MET A 181 -5.79 -3.58 11.81
N LYS A 182 -5.50 -3.14 13.06
CA LYS A 182 -4.88 -3.88 14.17
C LYS A 182 -3.43 -4.41 13.89
N THR A 183 -2.92 -4.32 12.62
CA THR A 183 -1.59 -4.76 12.15
C THR A 183 -1.44 -6.29 12.16
N ARG A 184 -2.12 -6.99 13.09
CA ARG A 184 -2.14 -8.44 13.22
C ARG A 184 -2.79 -9.09 11.99
N ALA A 185 -3.75 -8.38 11.37
CA ALA A 185 -4.47 -8.80 10.18
C ALA A 185 -3.55 -8.85 8.95
N THR A 186 -2.63 -7.87 8.83
CA THR A 186 -1.69 -7.79 7.70
C THR A 186 -0.61 -8.89 7.79
N ARG A 187 -0.19 -9.23 9.03
CA ARG A 187 0.79 -10.29 9.31
C ARG A 187 0.17 -11.67 8.99
N ALA A 188 -1.14 -11.83 9.29
CA ALA A 188 -1.90 -13.06 9.03
C ALA A 188 -2.15 -13.26 7.53
N VAL A 189 -2.43 -12.16 6.78
CA VAL A 189 -2.66 -12.17 5.34
C VAL A 189 -1.42 -12.67 4.57
N LEU A 190 -0.22 -12.16 4.91
CA LEU A 190 1.05 -12.56 4.29
C LEU A 190 1.39 -14.04 4.57
N LEU A 191 0.88 -14.57 5.70
CA LEU A 191 1.06 -15.97 6.10
C LEU A 191 0.05 -16.84 5.34
N GLY A 192 -1.19 -16.36 5.25
CA GLY A 192 -2.29 -17.02 4.53
C GLY A 192 -2.07 -17.13 3.04
N VAL A 193 -1.61 -16.04 2.41
CA VAL A 193 -1.29 -15.96 0.98
C VAL A 193 -0.23 -17.03 0.64
N TRP A 194 0.80 -17.16 1.50
CA TRP A 194 1.90 -18.11 1.38
C TRP A 194 1.41 -19.55 1.34
N LEU A 195 0.65 -19.96 2.38
CA LEU A 195 0.11 -21.31 2.53
C LEU A 195 -0.82 -21.69 1.38
N ALA A 196 -1.66 -20.74 0.92
CA ALA A 196 -2.57 -20.93 -0.22
C ALA A 196 -1.79 -21.20 -1.53
N VAL A 197 -0.67 -20.46 -1.72
CA VAL A 197 0.22 -20.56 -2.88
C VAL A 197 1.05 -21.86 -2.83
N LEU A 198 1.58 -22.21 -1.63
CA LEU A 198 2.34 -23.45 -1.39
C LEU A 198 1.48 -24.68 -1.68
N ALA A 199 0.19 -24.66 -1.24
CA ALA A 199 -0.79 -25.73 -1.45
C ALA A 199 -1.05 -25.94 -2.94
N PHE A 200 -1.20 -24.83 -3.71
CA PHE A 200 -1.40 -24.87 -5.16
C PHE A 200 -0.16 -25.49 -5.82
N ALA A 201 1.04 -25.06 -5.40
CA ALA A 201 2.34 -25.52 -5.89
C ALA A 201 2.59 -27.01 -5.60
N LEU A 202 1.91 -27.57 -4.59
CA LEU A 202 2.03 -28.98 -4.20
C LEU A 202 1.14 -29.93 -5.02
N LEU A 203 0.34 -29.40 -5.97
CA LEU A 203 -0.56 -30.21 -6.82
C LEU A 203 0.17 -31.29 -7.65
N PRO A 204 1.32 -31.04 -8.36
CA PRO A 204 1.99 -32.14 -9.10
C PRO A 204 2.49 -33.29 -8.23
N VAL A 205 2.80 -33.00 -6.94
CA VAL A 205 3.24 -33.98 -5.94
C VAL A 205 2.08 -34.97 -5.72
N LEU A 206 0.84 -34.44 -5.62
CA LEU A 206 -0.38 -35.23 -5.44
C LEU A 206 -0.76 -35.93 -6.75
N GLY A 207 -0.74 -35.20 -7.86
CA GLY A 207 -1.06 -35.74 -9.19
C GLY A 207 -1.49 -34.75 -10.26
N VAL A 208 -2.09 -33.61 -9.84
CA VAL A 208 -2.58 -32.57 -10.77
C VAL A 208 -1.42 -31.76 -11.35
N GLY A 209 -1.16 -31.92 -12.64
CA GLY A 209 -0.06 -31.26 -13.35
C GLY A 209 1.28 -31.91 -13.07
N GLN A 210 2.36 -31.40 -13.70
CA GLN A 210 3.71 -31.94 -13.48
C GLN A 210 4.81 -30.94 -13.82
N TYR A 211 5.99 -31.13 -13.20
CA TYR A 211 7.17 -30.31 -13.42
C TYR A 211 8.16 -31.09 -14.29
N THR A 212 8.49 -30.52 -15.46
CA THR A 212 9.38 -31.13 -16.45
C THR A 212 10.63 -30.30 -16.70
N VAL A 213 11.69 -30.95 -17.24
CA VAL A 213 12.95 -30.31 -17.60
C VAL A 213 12.70 -29.45 -18.85
N GLN A 214 13.10 -28.17 -18.80
CA GLN A 214 12.90 -27.22 -19.90
C GLN A 214 14.20 -26.96 -20.65
N TRP A 215 14.11 -26.51 -21.92
CA TRP A 215 15.25 -26.17 -22.77
C TRP A 215 16.01 -24.98 -22.15
N PRO A 216 17.36 -24.98 -22.08
CA PRO A 216 18.33 -25.95 -22.60
C PRO A 216 18.83 -27.03 -21.61
N GLY A 217 17.93 -27.49 -20.75
CA GLY A 217 18.22 -28.51 -19.73
C GLY A 217 18.92 -27.95 -18.51
N THR A 218 18.74 -26.64 -18.26
CA THR A 218 19.34 -25.91 -17.14
C THR A 218 18.31 -25.54 -16.07
N TRP A 219 17.02 -25.90 -16.28
CA TRP A 219 15.92 -25.57 -15.37
C TRP A 219 14.66 -26.42 -15.56
N CYS A 220 13.79 -26.44 -14.52
CA CYS A 220 12.50 -27.13 -14.50
C CYS A 220 11.35 -26.17 -14.24
N PHE A 221 10.19 -26.41 -14.87
CA PHE A 221 8.97 -25.59 -14.72
C PHE A 221 7.70 -26.40 -15.07
N ILE A 222 6.52 -25.74 -14.96
CA ILE A 222 5.19 -26.28 -15.25
C ILE A 222 5.12 -26.79 -16.69
N SER A 223 4.80 -28.08 -16.87
CA SER A 223 4.68 -28.73 -18.18
C SER A 223 3.41 -28.25 -18.89
N THR A 224 3.46 -28.14 -20.24
CA THR A 224 2.34 -27.69 -21.07
C THR A 224 2.01 -28.71 -22.16
N ASN A 236 -2.85 -35.33 -19.71
CA ASN A 236 -3.67 -34.73 -20.78
C ASN A 236 -4.51 -33.57 -20.24
N TRP A 237 -5.39 -33.84 -19.24
CA TRP A 237 -6.24 -32.81 -18.62
C TRP A 237 -5.55 -32.12 -17.44
N GLY A 238 -4.90 -32.91 -16.58
CA GLY A 238 -4.20 -32.46 -15.38
C GLY A 238 -3.10 -31.44 -15.62
N ASN A 239 -2.28 -31.66 -16.66
CA ASN A 239 -1.18 -30.78 -17.06
C ASN A 239 -1.69 -29.44 -17.57
N LEU A 240 -2.72 -29.46 -18.45
CA LEU A 240 -3.33 -28.27 -19.04
C LEU A 240 -4.10 -27.43 -18.03
N PHE A 241 -4.81 -28.08 -17.08
CA PHE A 241 -5.56 -27.37 -16.04
C PHE A 241 -4.63 -26.62 -15.09
N PHE A 242 -3.55 -27.28 -14.63
CA PHE A 242 -2.54 -26.70 -13.71
C PHE A 242 -1.80 -25.52 -14.35
N ALA A 243 -1.50 -25.61 -15.66
CA ALA A 243 -0.82 -24.55 -16.40
C ALA A 243 -1.75 -23.36 -16.60
N SER A 244 -3.02 -23.60 -17.01
CA SER A 244 -4.03 -22.56 -17.20
C SER A 244 -4.30 -21.82 -15.90
N ALA A 245 -4.39 -22.57 -14.77
CA ALA A 245 -4.62 -22.02 -13.42
C ALA A 245 -3.52 -21.03 -13.03
N PHE A 246 -2.24 -21.36 -13.32
CA PHE A 246 -1.09 -20.49 -13.05
C PHE A 246 -1.18 -19.23 -13.93
N ALA A 247 -1.50 -19.41 -15.23
CA ALA A 247 -1.63 -18.32 -16.21
C ALA A 247 -2.69 -17.29 -15.79
N PHE A 248 -3.90 -17.75 -15.40
N PHE A 248 -3.91 -17.76 -15.40
CA PHE A 248 -4.99 -16.87 -14.97
CA PHE A 248 -5.01 -16.91 -14.95
C PHE A 248 -4.77 -16.28 -13.58
C PHE A 248 -4.69 -16.24 -13.61
N LEU A 249 -4.05 -16.99 -12.68
CA LEU A 249 -3.69 -16.51 -11.33
C LEU A 249 -2.70 -15.35 -11.41
N GLY A 250 -1.78 -15.43 -12.38
CA GLY A 250 -0.78 -14.41 -12.64
C GLY A 250 -1.36 -13.17 -13.28
N LEU A 251 -2.30 -13.32 -14.23
CA LEU A 251 -2.94 -12.18 -14.90
C LEU A 251 -3.91 -11.46 -13.95
N LEU A 252 -4.54 -12.22 -13.02
CA LEU A 252 -5.43 -11.64 -12.01
C LEU A 252 -4.63 -10.75 -11.07
N ALA A 253 -3.40 -11.19 -10.71
CA ALA A 253 -2.49 -10.43 -9.84
C ALA A 253 -2.15 -9.08 -10.48
N LEU A 254 -1.81 -9.09 -11.79
CA LEU A 254 -1.46 -7.87 -12.54
C LEU A 254 -2.65 -6.93 -12.70
N THR A 255 -3.85 -7.49 -12.95
CA THR A 255 -5.07 -6.68 -13.10
C THR A 255 -5.46 -6.00 -11.78
N VAL A 256 -5.33 -6.71 -10.64
CA VAL A 256 -5.60 -6.18 -9.30
C VAL A 256 -4.59 -5.06 -8.93
N THR A 257 -3.31 -5.22 -9.34
CA THR A 257 -2.24 -4.24 -9.11
C THR A 257 -2.50 -2.96 -9.93
N PHE A 258 -2.71 -3.09 -11.26
N PHE A 258 -2.74 -3.09 -11.25
CA PHE A 258 -2.99 -1.96 -12.16
CA PHE A 258 -3.00 -1.98 -12.18
C PHE A 258 -4.23 -1.17 -11.73
C PHE A 258 -4.27 -1.19 -11.83
N SER A 259 -5.33 -1.88 -11.36
CA SER A 259 -6.59 -1.25 -10.96
C SER A 259 -6.42 -0.39 -9.69
N CYS A 260 -5.86 -0.98 -8.62
CA CYS A 260 -5.63 -0.28 -7.36
C CYS A 260 -4.63 0.88 -7.48
N ASN A 261 -3.58 0.72 -8.31
CA ASN A 261 -2.59 1.78 -8.51
C ASN A 261 -3.19 2.96 -9.30
N LEU A 262 -4.01 2.67 -10.33
CA LEU A 262 -4.68 3.72 -11.11
C LEU A 262 -5.68 4.46 -10.25
N ALA A 263 -6.40 3.72 -9.37
CA ALA A 263 -7.39 4.29 -8.45
C ALA A 263 -6.72 5.20 -7.43
N THR A 264 -5.52 4.81 -6.94
CA THR A 264 -4.73 5.58 -5.98
C THR A 264 -4.28 6.91 -6.57
N ILE A 265 -3.64 6.88 -7.77
CA ILE A 265 -3.13 8.07 -8.46
C ILE A 265 -4.29 9.05 -8.72
N LYS A 266 -5.42 8.54 -9.25
CA LYS A 266 -6.63 9.32 -9.50
C LYS A 266 -7.11 10.02 -8.22
N ALA A 267 -7.00 9.33 -7.07
CA ALA A 267 -7.42 9.84 -5.75
C ALA A 267 -6.46 10.87 -5.18
N LEU A 268 -5.14 10.72 -5.44
CA LEU A 268 -4.11 11.68 -4.98
C LEU A 268 -4.31 13.04 -5.67
N VAL A 269 -4.79 13.03 -6.92
CA VAL A 269 -5.09 14.24 -7.69
C VAL A 269 -6.35 14.88 -7.09
N SER A 270 -7.34 14.05 -6.70
CA SER A 270 -8.61 14.48 -6.12
C SER A 270 -8.49 15.00 -4.68
N ARG A 271 -7.39 14.69 -3.97
CA ARG A 271 -7.14 15.10 -2.58
C ARG A 271 -7.47 16.59 -2.33
N GLY A 272 -8.14 16.85 -1.22
CA GLY A 272 -8.52 18.19 -0.82
C GLY A 272 -7.38 18.86 -0.06
N SER A 273 -7.73 19.84 0.77
CA SER A 273 -6.77 20.57 1.61
C SER A 273 -6.30 19.65 2.75
N ASN A 274 -5.16 19.98 3.37
CA ASN A 274 -4.60 19.20 4.48
C ASN A 274 -5.54 19.16 5.70
N ILE A 275 -6.31 20.26 5.97
CA ILE A 275 -7.29 20.30 7.09
C ILE A 275 -8.42 19.32 6.79
N PHE A 276 -8.97 19.38 5.56
CA PHE A 276 -10.07 18.54 5.08
C PHE A 276 -9.77 17.04 5.28
N GLU A 277 -8.62 16.57 4.76
CA GLU A 277 -8.20 15.17 4.86
C GLU A 277 -7.93 14.74 6.31
N MET A 278 -7.41 15.67 7.16
CA MET A 278 -7.14 15.46 8.58
C MET A 278 -8.44 15.08 9.32
N LEU A 279 -9.50 15.86 9.11
CA LEU A 279 -10.79 15.60 9.74
C LEU A 279 -11.56 14.47 9.07
N ARG A 280 -11.19 14.08 7.85
CA ARG A 280 -11.80 12.94 7.17
C ARG A 280 -11.35 11.64 7.87
N ILE A 281 -10.05 11.54 8.21
CA ILE A 281 -9.46 10.40 8.92
C ILE A 281 -10.10 10.25 10.33
N ASP A 282 -10.28 11.38 11.04
CA ASP A 282 -10.83 11.43 12.39
C ASP A 282 -12.35 11.28 12.51
N GLU A 283 -13.14 11.99 11.67
CA GLU A 283 -14.60 11.98 11.73
C GLU A 283 -15.32 11.18 10.61
N GLY A 284 -14.81 11.23 9.39
CA GLY A 284 -15.39 10.53 8.26
C GLY A 284 -16.16 11.41 7.28
N LEU A 285 -16.28 10.94 6.03
CA LEU A 285 -16.98 11.67 4.97
C LEU A 285 -18.16 10.85 4.42
N ARG A 286 -19.36 11.45 4.47
CA ARG A 286 -20.60 10.86 3.97
C ARG A 286 -21.23 11.84 2.97
N LEU A 287 -21.38 11.41 1.71
CA LEU A 287 -21.92 12.24 0.63
C LEU A 287 -23.45 12.14 0.48
N LYS A 288 -24.10 11.28 1.29
CA LYS A 288 -25.55 11.10 1.31
C LYS A 288 -26.12 11.60 2.64
N ILE A 289 -27.32 12.22 2.63
CA ILE A 289 -27.99 12.73 3.83
C ILE A 289 -28.23 11.58 4.83
N TYR A 290 -27.78 11.77 6.08
CA TYR A 290 -27.92 10.78 7.14
C TYR A 290 -28.30 11.42 8.46
N LYS A 291 -28.94 10.65 9.35
CA LYS A 291 -29.30 11.11 10.68
C LYS A 291 -28.18 10.76 11.66
N ASP A 292 -27.95 11.62 12.66
CA ASP A 292 -26.94 11.41 13.70
C ASP A 292 -27.56 10.68 14.92
N THR A 293 -26.81 10.57 16.04
CA THR A 293 -27.27 9.92 17.27
C THR A 293 -28.53 10.57 17.85
N GLU A 294 -28.68 11.90 17.71
CA GLU A 294 -29.84 12.66 18.21
C GLU A 294 -31.03 12.64 17.23
N GLY A 295 -30.76 12.23 15.98
CA GLY A 295 -31.76 12.14 14.93
C GLY A 295 -31.82 13.35 14.02
N TYR A 296 -30.75 14.15 14.00
CA TYR A 296 -30.64 15.36 13.19
C TYR A 296 -29.99 15.08 11.83
N TYR A 297 -30.47 15.76 10.77
CA TYR A 297 -29.94 15.61 9.41
C TYR A 297 -28.54 16.19 9.27
N THR A 298 -27.61 15.33 8.80
CA THR A 298 -26.18 15.63 8.65
C THR A 298 -25.66 15.13 7.27
N ILE A 299 -24.57 15.75 6.78
CA ILE A 299 -23.87 15.44 5.52
C ILE A 299 -22.40 15.90 5.63
N GLY A 300 -21.53 15.40 4.74
CA GLY A 300 -20.11 15.71 4.68
C GLY A 300 -19.37 15.36 5.96
N ILE A 301 -18.47 16.24 6.41
CA ILE A 301 -17.76 16.02 7.66
C ILE A 301 -18.57 16.71 8.77
N GLY A 302 -19.45 15.91 9.39
CA GLY A 302 -20.34 16.27 10.49
C GLY A 302 -21.04 17.60 10.40
N HIS A 303 -21.54 17.98 9.21
CA HIS A 303 -22.24 19.25 9.01
C HIS A 303 -23.73 19.07 9.22
N LEU A 304 -24.25 19.65 10.32
CA LEU A 304 -25.68 19.61 10.66
C LEU A 304 -26.45 20.52 9.70
N LEU A 305 -27.45 19.96 9.01
CA LEU A 305 -28.27 20.71 8.05
C LEU A 305 -29.36 21.51 8.75
N THR A 306 -30.21 20.84 9.55
CA THR A 306 -31.32 21.43 10.30
C THR A 306 -31.70 20.60 11.53
N LYS A 307 -32.25 21.28 12.56
CA LYS A 307 -32.73 20.63 13.77
C LYS A 307 -34.18 20.15 13.62
N SER A 308 -34.83 20.52 12.50
CA SER A 308 -36.20 20.13 12.16
C SER A 308 -36.24 18.64 11.73
N PRO A 309 -37.26 17.85 12.15
CA PRO A 309 -37.30 16.43 11.76
C PRO A 309 -37.69 16.16 10.29
N SER A 310 -38.11 17.22 9.57
CA SER A 310 -38.51 17.14 8.16
C SER A 310 -37.32 16.93 7.23
N LEU A 311 -37.44 15.95 6.31
CA LEU A 311 -36.42 15.63 5.31
C LEU A 311 -36.45 16.70 4.20
N ASN A 312 -37.65 17.21 3.88
CA ASN A 312 -37.87 18.26 2.87
C ASN A 312 -37.14 19.56 3.30
N ALA A 313 -37.24 19.91 4.61
CA ALA A 313 -36.60 21.08 5.20
C ALA A 313 -35.08 20.96 5.13
N ALA A 314 -34.55 19.72 5.24
CA ALA A 314 -33.12 19.42 5.17
C ALA A 314 -32.58 19.51 3.75
N LYS A 315 -33.35 18.99 2.76
CA LYS A 315 -32.96 19.00 1.34
C LYS A 315 -32.94 20.42 0.79
N SER A 316 -33.85 21.29 1.28
CA SER A 316 -33.94 22.70 0.91
C SER A 316 -32.83 23.52 1.58
N GLU A 317 -32.33 23.06 2.75
CA GLU A 317 -31.23 23.67 3.50
C GLU A 317 -29.91 23.41 2.76
N LEU A 318 -29.73 22.18 2.25
CA LEU A 318 -28.56 21.73 1.49
C LEU A 318 -28.53 22.43 0.12
N ASP A 319 -29.71 22.56 -0.54
CA ASP A 319 -29.86 23.22 -1.84
C ASP A 319 -29.54 24.72 -1.77
N LYS A 320 -29.82 25.36 -0.62
CA LYS A 320 -29.53 26.78 -0.39
C LYS A 320 -28.02 26.99 -0.19
N ALA A 321 -27.36 26.08 0.55
CA ALA A 321 -25.93 26.12 0.86
C ALA A 321 -25.06 25.84 -0.36
N ILE A 322 -25.53 24.93 -1.25
CA ILE A 322 -24.81 24.52 -2.46
C ILE A 322 -25.20 25.40 -3.67
N GLY A 323 -26.50 25.52 -3.93
CA GLY A 323 -27.03 26.29 -5.05
C GLY A 323 -28.01 25.48 -5.89
N ARG A 324 -27.52 24.35 -6.43
CA ARG A 324 -28.29 23.44 -7.27
C ARG A 324 -29.19 22.49 -6.45
N ASN A 325 -30.08 21.75 -7.14
CA ASN A 325 -30.96 20.76 -6.52
C ASN A 325 -30.15 19.48 -6.35
N THR A 326 -29.69 19.23 -5.11
CA THR A 326 -28.84 18.10 -4.74
C THR A 326 -29.63 16.82 -4.50
N ASN A 327 -30.81 16.95 -3.83
CA ASN A 327 -31.72 15.86 -3.47
C ASN A 327 -31.04 14.78 -2.60
N GLY A 328 -30.27 15.25 -1.61
CA GLY A 328 -29.56 14.40 -0.65
C GLY A 328 -28.17 13.95 -1.02
N VAL A 329 -27.79 14.02 -2.30
CA VAL A 329 -26.49 13.57 -2.78
C VAL A 329 -25.60 14.76 -3.22
N ILE A 330 -24.35 14.80 -2.71
CA ILE A 330 -23.35 15.83 -3.04
C ILE A 330 -22.00 15.20 -3.49
N THR A 331 -21.05 16.05 -3.92
CA THR A 331 -19.71 15.64 -4.34
C THR A 331 -18.68 16.03 -3.27
N LYS A 332 -17.47 15.43 -3.33
CA LYS A 332 -16.35 15.70 -2.40
C LYS A 332 -16.02 17.20 -2.39
N ASP A 333 -16.03 17.83 -3.59
CA ASP A 333 -15.76 19.26 -3.79
C ASP A 333 -16.81 20.13 -3.07
N GLU A 334 -18.10 19.74 -3.13
CA GLU A 334 -19.23 20.40 -2.47
C GLU A 334 -19.17 20.22 -0.95
N ALA A 335 -18.72 19.02 -0.50
CA ALA A 335 -18.52 18.66 0.91
C ALA A 335 -17.39 19.50 1.50
N GLU A 336 -16.33 19.71 0.70
CA GLU A 336 -15.18 20.54 1.05
C GLU A 336 -15.61 22.00 1.17
N LYS A 337 -16.55 22.45 0.31
CA LYS A 337 -17.12 23.80 0.32
C LYS A 337 -17.90 24.04 1.63
N LEU A 338 -18.71 23.03 2.07
CA LEU A 338 -19.47 23.08 3.31
C LEU A 338 -18.52 23.02 4.51
N PHE A 339 -17.42 22.24 4.37
CA PHE A 339 -16.38 22.10 5.41
C PHE A 339 -15.64 23.44 5.61
N ASN A 340 -15.21 24.09 4.50
CA ASN A 340 -14.52 25.38 4.53
C ASN A 340 -15.38 26.42 5.26
N GLN A 341 -16.72 26.37 5.08
CA GLN A 341 -17.69 27.24 5.75
C GLN A 341 -17.64 27.00 7.26
N ASP A 342 -17.65 25.72 7.68
CA ASP A 342 -17.57 25.32 9.08
C ASP A 342 -16.25 25.71 9.73
N VAL A 343 -15.15 25.73 8.96
CA VAL A 343 -13.81 26.16 9.38
C VAL A 343 -13.84 27.66 9.70
N ASP A 344 -14.46 28.47 8.80
CA ASP A 344 -14.61 29.92 8.96
C ASP A 344 -15.35 30.27 10.25
N ALA A 345 -16.45 29.54 10.53
CA ALA A 345 -17.27 29.72 11.73
C ALA A 345 -16.54 29.30 13.00
N THR A 346 -15.76 28.20 12.96
CA THR A 346 -15.00 27.75 14.14
C THR A 346 -13.88 28.74 14.45
N VAL A 347 -13.27 29.36 13.42
CA VAL A 347 -12.24 30.39 13.59
C VAL A 347 -12.87 31.64 14.26
N ARG A 348 -14.15 31.97 13.92
CA ARG A 348 -14.92 33.08 14.50
C ARG A 348 -15.10 32.89 16.01
N GLY A 349 -15.39 31.65 16.42
CA GLY A 349 -15.57 31.26 17.81
C GLY A 349 -14.29 31.32 18.61
N ILE A 350 -13.17 30.88 18.00
CA ILE A 350 -11.83 30.89 18.60
C ILE A 350 -11.40 32.35 18.85
N LEU A 351 -11.51 33.22 17.81
CA LEU A 351 -11.15 34.64 17.89
C LEU A 351 -11.99 35.42 18.91
N ARG A 352 -13.28 35.03 19.08
CA ARG A 352 -14.19 35.68 20.04
C ARG A 352 -13.94 35.21 21.48
N ASN A 353 -13.31 34.04 21.67
CA ASN A 353 -12.98 33.50 22.99
C ASN A 353 -11.69 34.17 23.48
N ALA A 354 -11.73 34.74 24.70
CA ALA A 354 -10.63 35.45 25.35
C ALA A 354 -9.39 34.59 25.62
N LYS A 355 -9.58 33.28 25.85
CA LYS A 355 -8.51 32.33 26.16
C LYS A 355 -7.91 31.67 24.91
N LEU A 356 -8.75 31.34 23.92
CA LEU A 356 -8.32 30.66 22.68
C LEU A 356 -7.67 31.59 21.64
N LYS A 357 -8.04 32.88 21.63
CA LYS A 357 -7.50 33.88 20.69
C LYS A 357 -5.96 34.05 20.78
N PRO A 358 -5.32 34.32 21.96
CA PRO A 358 -3.85 34.46 21.99
C PRO A 358 -3.08 33.19 21.62
N VAL A 359 -3.68 32.01 21.84
CA VAL A 359 -3.09 30.71 21.52
C VAL A 359 -3.08 30.51 19.99
N TYR A 360 -4.23 30.78 19.33
CA TYR A 360 -4.41 30.64 17.88
C TYR A 360 -3.41 31.49 17.08
N ASP A 361 -3.22 32.76 17.48
CA ASP A 361 -2.31 33.71 16.84
C ASP A 361 -0.84 33.28 16.95
N SER A 362 -0.43 32.75 18.12
CA SER A 362 0.95 32.29 18.39
C SER A 362 1.33 31.01 17.64
N LEU A 363 0.34 30.17 17.29
CA LEU A 363 0.56 28.91 16.60
C LEU A 363 0.65 29.04 15.07
N ASP A 364 1.37 28.10 14.44
CA ASP A 364 1.54 28.01 12.98
C ASP A 364 0.29 27.35 12.34
N ALA A 365 0.21 27.35 10.99
CA ALA A 365 -0.90 26.77 10.23
C ALA A 365 -1.16 25.28 10.52
N VAL A 366 -0.08 24.47 10.67
CA VAL A 366 -0.15 23.02 10.96
C VAL A 366 -0.70 22.80 12.39
N ARG A 367 -0.17 23.55 13.38
CA ARG A 367 -0.62 23.46 14.77
C ARG A 367 -2.02 24.02 14.99
N ARG A 368 -2.43 25.02 14.17
CA ARG A 368 -3.78 25.62 14.20
C ARG A 368 -4.82 24.57 13.81
N ALA A 369 -4.48 23.68 12.84
CA ALA A 369 -5.34 22.60 12.38
C ALA A 369 -5.64 21.62 13.53
N ALA A 370 -4.63 21.37 14.39
CA ALA A 370 -4.76 20.50 15.57
C ALA A 370 -5.71 21.12 16.61
N LEU A 371 -5.74 22.47 16.71
CA LEU A 371 -6.64 23.21 17.60
C LEU A 371 -8.07 23.14 17.05
N ILE A 372 -8.25 23.43 15.73
CA ILE A 372 -9.54 23.37 15.01
C ILE A 372 -10.14 21.94 15.14
N ASN A 373 -9.27 20.90 15.08
CA ASN A 373 -9.68 19.50 15.23
C ASN A 373 -10.31 19.30 16.60
N MET A 374 -9.69 19.83 17.67
CA MET A 374 -10.19 19.75 19.06
C MET A 374 -11.53 20.46 19.20
N VAL A 375 -11.66 21.70 18.65
CA VAL A 375 -12.88 22.53 18.66
C VAL A 375 -14.04 21.78 17.98
N PHE A 376 -13.76 21.05 16.89
CA PHE A 376 -14.73 20.23 16.17
C PHE A 376 -15.25 19.08 17.06
N GLN A 377 -14.37 18.50 17.90
CA GLN A 377 -14.68 17.38 18.78
C GLN A 377 -15.38 17.76 20.10
N MET A 378 -14.89 18.81 20.81
CA MET A 378 -15.40 19.21 22.13
C MET A 378 -16.20 20.50 22.14
N GLY A 379 -15.86 21.43 21.26
CA GLY A 379 -16.46 22.75 21.20
C GLY A 379 -15.54 23.77 21.81
N GLU A 380 -15.83 25.07 21.58
CA GLU A 380 -15.06 26.20 22.08
C GLU A 380 -14.82 26.14 23.60
N THR A 381 -15.87 25.80 24.39
CA THR A 381 -15.76 25.72 25.85
C THR A 381 -14.94 24.50 26.31
N GLY A 382 -15.12 23.37 25.64
CA GLY A 382 -14.40 22.12 25.94
C GLY A 382 -12.89 22.26 25.85
N VAL A 383 -12.40 22.95 24.81
CA VAL A 383 -10.97 23.21 24.55
C VAL A 383 -10.41 24.23 25.57
N ALA A 384 -11.20 25.27 25.88
CA ALA A 384 -10.85 26.33 26.84
C ALA A 384 -10.55 25.81 28.26
N GLY A 385 -11.14 24.68 28.63
CA GLY A 385 -10.94 24.03 29.94
C GLY A 385 -9.55 23.46 30.15
N PHE A 386 -8.75 23.35 29.07
CA PHE A 386 -7.38 22.83 29.06
C PHE A 386 -6.39 24.00 29.26
N THR A 387 -6.66 24.87 30.26
CA THR A 387 -5.90 26.07 30.62
C THR A 387 -4.38 25.82 30.65
N ASN A 388 -3.94 24.76 31.36
CA ASN A 388 -2.54 24.38 31.51
C ASN A 388 -1.87 24.02 30.18
N SER A 389 -2.59 23.32 29.29
CA SER A 389 -2.10 22.93 27.97
C SER A 389 -1.94 24.12 27.02
N LEU A 390 -2.94 25.04 27.02
CA LEU A 390 -2.96 26.26 26.17
C LEU A 390 -1.81 27.21 26.49
N ARG A 391 -1.49 27.38 27.79
CA ARG A 391 -0.40 28.23 28.29
C ARG A 391 0.96 27.72 27.76
N MET A 392 1.14 26.39 27.71
CA MET A 392 2.36 25.75 27.22
C MET A 392 2.53 25.86 25.69
N LEU A 393 1.41 25.98 24.96
CA LEU A 393 1.39 26.11 23.49
C LEU A 393 1.92 27.48 23.03
N GLN A 394 1.56 28.56 23.76
CA GLN A 394 2.03 29.92 23.48
C GLN A 394 3.49 30.06 23.92
N GLN A 395 3.87 29.33 24.99
CA GLN A 395 5.24 29.29 25.53
C GLN A 395 6.14 28.35 24.71
N LYS A 396 5.53 27.65 23.73
CA LYS A 396 6.16 26.72 22.77
C LYS A 396 6.82 25.48 23.43
N ARG A 397 6.31 25.07 24.61
CA ARG A 397 6.78 23.91 25.36
C ARG A 397 5.99 22.68 24.85
N TRP A 398 6.27 22.26 23.60
CA TRP A 398 5.60 21.17 22.88
C TRP A 398 5.59 19.82 23.59
N ASP A 399 6.74 19.41 24.15
CA ASP A 399 6.88 18.13 24.87
C ASP A 399 6.05 18.08 26.15
N GLU A 400 6.06 19.18 26.94
CA GLU A 400 5.30 19.28 28.20
C GLU A 400 3.79 19.39 27.98
N ALA A 401 3.35 20.12 26.92
CA ALA A 401 1.95 20.30 26.55
C ALA A 401 1.29 18.98 26.18
N ALA A 402 2.06 18.07 25.53
CA ALA A 402 1.65 16.73 25.10
C ALA A 402 1.25 15.86 26.31
N VAL A 403 2.01 15.95 27.42
CA VAL A 403 1.80 15.21 28.67
C VAL A 403 0.47 15.63 29.32
N ASN A 404 0.22 16.95 29.40
CA ASN A 404 -1.00 17.52 30.00
C ASN A 404 -2.27 17.17 29.22
N LEU A 405 -2.18 17.11 27.89
CA LEU A 405 -3.30 16.73 27.02
C LEU A 405 -3.59 15.23 27.18
N ALA A 406 -2.53 14.40 27.36
CA ALA A 406 -2.64 12.96 27.58
C ALA A 406 -3.33 12.65 28.91
N LYS A 407 -3.14 13.54 29.92
CA LYS A 407 -3.77 13.42 31.24
C LYS A 407 -5.17 14.06 31.16
N SER A 408 -6.08 13.39 30.42
CA SER A 408 -7.46 13.82 30.19
C SER A 408 -8.42 12.66 29.91
N ARG A 409 -9.72 12.89 30.18
CA ARG A 409 -10.82 11.95 29.99
C ARG A 409 -11.05 11.71 28.49
N TRP A 410 -10.75 12.73 27.67
CA TRP A 410 -10.81 12.76 26.20
C TRP A 410 -9.85 11.74 25.59
N TYR A 411 -8.62 11.65 26.14
CA TYR A 411 -7.56 10.73 25.69
C TYR A 411 -8.00 9.28 25.87
N ASN A 412 -8.64 8.97 27.02
CA ASN A 412 -9.12 7.62 27.35
C ASN A 412 -10.33 7.20 26.52
N GLN A 413 -11.22 8.15 26.18
CA GLN A 413 -12.42 7.89 25.39
C GLN A 413 -12.09 7.61 23.91
N THR A 414 -11.26 8.47 23.30
CA THR A 414 -10.83 8.33 21.90
C THR A 414 -9.28 8.27 21.84
N PRO A 415 -8.66 7.09 22.14
CA PRO A 415 -7.19 7.02 22.17
C PRO A 415 -6.48 7.24 20.84
N ASN A 416 -7.05 6.72 19.73
CA ASN A 416 -6.45 6.85 18.40
C ASN A 416 -6.50 8.29 17.88
N ARG A 417 -7.65 8.97 18.03
CA ARG A 417 -7.83 10.37 17.61
C ARG A 417 -6.95 11.34 18.43
N ALA A 418 -6.95 11.19 19.78
CA ALA A 418 -6.14 12.03 20.67
C ALA A 418 -4.64 11.90 20.38
N LYS A 419 -4.16 10.68 20.08
CA LYS A 419 -2.76 10.38 19.75
C LYS A 419 -2.31 11.09 18.46
N ARG A 420 -3.17 11.11 17.42
CA ARG A 420 -2.88 11.78 16.14
C ARG A 420 -2.83 13.30 16.31
N VAL A 421 -3.73 13.86 17.15
CA VAL A 421 -3.83 15.30 17.45
C VAL A 421 -2.61 15.78 18.25
N ILE A 422 -2.28 15.07 19.37
CA ILE A 422 -1.15 15.37 20.25
C ILE A 422 0.19 15.41 19.45
N THR A 423 0.37 14.45 18.53
CA THR A 423 1.55 14.33 17.66
C THR A 423 1.67 15.55 16.72
N THR A 424 0.53 16.07 16.21
CA THR A 424 0.48 17.26 15.34
C THR A 424 0.90 18.52 16.11
N PHE A 425 0.51 18.63 17.40
CA PHE A 425 0.88 19.75 18.26
C PHE A 425 2.38 19.68 18.64
N ARG A 426 2.86 18.46 18.93
CA ARG A 426 4.23 18.18 19.36
C ARG A 426 5.27 18.40 18.24
N THR A 427 5.09 17.73 17.08
CA THR A 427 6.03 17.79 15.95
C THR A 427 5.77 18.92 14.96
N GLY A 428 4.53 19.37 14.86
CA GLY A 428 4.15 20.41 13.91
C GLY A 428 4.16 19.91 12.48
N THR A 429 3.81 18.61 12.31
CA THR A 429 3.76 17.91 11.02
C THR A 429 2.45 17.12 10.82
N TRP A 430 2.17 16.76 9.56
CA TRP A 430 0.99 15.99 9.17
C TRP A 430 1.29 14.47 9.27
N ASP A 431 2.54 14.11 9.65
CA ASP A 431 3.08 12.76 9.81
C ASP A 431 2.13 11.74 10.44
N ALA A 432 1.36 12.13 11.48
CA ALA A 432 0.40 11.25 12.15
C ALA A 432 -0.75 10.82 11.24
N TYR A 433 -1.16 11.71 10.31
CA TYR A 433 -2.24 11.51 9.34
C TYR A 433 -1.75 10.99 7.98
N GLY A 434 -0.56 11.40 7.56
CA GLY A 434 0.05 10.99 6.29
C GLY A 434 1.21 11.87 5.85
N SER A 435 1.60 11.74 4.59
CA SER A 435 2.70 12.52 3.98
C SER A 435 2.18 13.90 3.53
N TRP A 436 1.49 13.95 2.36
CA TRP A 436 0.86 15.11 1.72
C TRP A 436 1.84 16.25 1.28
N GLY A 437 3.14 16.06 1.47
CA GLY A 437 4.14 17.06 1.10
C GLY A 437 4.48 17.00 -0.36
N ARG A 438 5.75 16.68 -0.66
CA ARG A 438 6.29 16.49 -2.01
C ARG A 438 6.31 15.00 -2.30
N ILE A 439 5.98 14.19 -1.27
CA ILE A 439 5.94 12.73 -1.31
C ILE A 439 4.72 12.27 -2.14
N THR A 440 3.68 13.14 -2.26
CA THR A 440 2.46 12.87 -3.04
C THR A 440 2.77 12.65 -4.54
N THR A 441 3.77 13.36 -5.11
CA THR A 441 4.20 13.20 -6.49
C THR A 441 5.21 12.06 -6.58
N GLU A 442 6.07 11.89 -5.53
CA GLU A 442 7.06 10.82 -5.43
C GLU A 442 6.36 9.44 -5.47
N THR A 443 5.25 9.29 -4.71
CA THR A 443 4.44 8.06 -4.66
C THR A 443 3.76 7.81 -6.01
N ALA A 444 3.23 8.87 -6.65
CA ALA A 444 2.59 8.79 -7.97
C ALA A 444 3.55 8.21 -9.04
N ILE A 445 4.81 8.69 -9.05
CA ILE A 445 5.85 8.22 -9.97
C ILE A 445 6.28 6.79 -9.61
N GLN A 446 6.33 6.46 -8.31
CA GLN A 446 6.68 5.10 -7.86
C GLN A 446 5.61 4.08 -8.27
N LEU A 447 4.31 4.43 -8.11
CA LEU A 447 3.20 3.54 -8.48
C LEU A 447 3.13 3.35 -10.00
N MET A 448 3.50 4.38 -10.76
CA MET A 448 3.53 4.36 -12.21
C MET A 448 4.64 3.40 -12.66
N ALA A 449 5.82 3.48 -12.01
CA ALA A 449 6.99 2.64 -12.25
C ALA A 449 6.68 1.16 -12.01
N ILE A 450 6.01 0.82 -10.89
CA ILE A 450 5.60 -0.55 -10.54
C ILE A 450 4.86 -1.17 -11.73
N MET A 451 3.80 -0.49 -12.22
CA MET A 451 2.96 -0.93 -13.34
C MET A 451 3.75 -1.20 -14.63
N CYS A 452 4.75 -0.36 -14.94
CA CYS A 452 5.60 -0.51 -16.11
C CYS A 452 6.54 -1.71 -15.99
N VAL A 453 7.26 -1.81 -14.84
CA VAL A 453 8.22 -2.88 -14.55
C VAL A 453 7.53 -4.24 -14.49
N LEU A 454 6.43 -4.34 -13.74
CA LEU A 454 5.66 -5.56 -13.55
C LEU A 454 5.11 -6.13 -14.86
N SER A 455 4.58 -5.26 -15.73
CA SER A 455 4.00 -5.67 -17.03
C SER A 455 5.03 -6.13 -18.08
N VAL A 456 6.22 -5.54 -18.15
CA VAL A 456 7.24 -5.95 -19.15
C VAL A 456 7.91 -7.27 -18.72
N CYS A 457 8.14 -7.42 -17.41
CA CYS A 457 8.80 -8.58 -16.83
C CYS A 457 7.93 -9.83 -16.78
N TRP A 458 6.62 -9.69 -16.43
CA TRP A 458 5.73 -10.83 -16.24
C TRP A 458 4.76 -11.17 -17.38
N SER A 459 4.46 -10.24 -18.31
CA SER A 459 3.52 -10.54 -19.42
C SER A 459 4.02 -11.60 -20.41
N PRO A 460 5.29 -11.57 -20.91
CA PRO A 460 5.70 -12.59 -21.89
C PRO A 460 5.53 -14.04 -21.43
N LEU A 461 5.92 -14.39 -20.19
CA LEU A 461 5.75 -15.74 -19.66
C LEU A 461 4.28 -16.13 -19.69
N LEU A 462 3.41 -15.30 -19.08
CA LEU A 462 1.95 -15.51 -18.99
C LEU A 462 1.28 -15.63 -20.37
N ILE A 463 1.72 -14.83 -21.36
CA ILE A 463 1.17 -14.92 -22.72
C ILE A 463 1.71 -16.16 -23.44
N MET A 464 3.02 -16.49 -23.27
CA MET A 464 3.66 -17.68 -23.86
C MET A 464 2.97 -18.96 -23.40
N MET A 465 2.60 -19.03 -22.10
CA MET A 465 1.93 -20.18 -21.49
C MET A 465 0.53 -20.40 -22.06
N LEU A 466 -0.24 -19.32 -22.24
CA LEU A 466 -1.59 -19.38 -22.82
C LEU A 466 -1.55 -19.80 -24.29
N LYS A 467 -0.48 -19.41 -25.01
CA LYS A 467 -0.26 -19.77 -26.41
C LYS A 467 0.10 -21.26 -26.53
N MET A 468 0.92 -21.78 -25.59
CA MET A 468 1.33 -23.18 -25.54
C MET A 468 0.16 -24.12 -25.24
N ILE A 469 -0.79 -23.68 -24.39
CA ILE A 469 -2.01 -24.42 -24.03
C ILE A 469 -2.92 -24.52 -25.26
N PHE A 470 -3.01 -23.42 -26.05
CA PHE A 470 -3.79 -23.32 -27.28
C PHE A 470 -3.24 -24.28 -28.36
N ASN A 471 -3.92 -25.41 -28.59
CA ASN A 471 -3.53 -26.43 -29.57
C ASN A 471 -4.71 -27.20 -30.17
N GLU A 483 15.85 -25.90 -37.12
CA GLU A 483 14.95 -26.23 -36.02
C GLU A 483 13.50 -25.94 -36.38
N LYS A 484 12.57 -26.81 -35.93
CA LYS A 484 11.14 -26.70 -36.19
C LYS A 484 10.49 -25.51 -35.48
N GLN A 485 10.85 -25.25 -34.21
CA GLN A 485 10.29 -24.14 -33.42
C GLN A 485 11.33 -23.36 -32.60
N LYS A 486 11.20 -22.02 -32.62
CA LYS A 486 12.05 -21.08 -31.89
C LYS A 486 11.36 -20.60 -30.60
N GLU A 487 10.33 -21.35 -30.16
CA GLU A 487 9.56 -21.09 -28.94
C GLU A 487 10.38 -21.38 -27.69
N CYS A 488 11.29 -22.40 -27.77
CA CYS A 488 12.19 -22.82 -26.70
C CYS A 488 13.17 -21.71 -26.31
N ASN A 489 13.69 -20.99 -27.32
CA ASN A 489 14.63 -19.88 -27.13
C ASN A 489 13.95 -18.69 -26.48
N PHE A 490 12.73 -18.32 -26.95
CA PHE A 490 11.97 -17.19 -26.39
C PHE A 490 11.42 -17.49 -25.00
N PHE A 491 11.10 -18.77 -24.70
CA PHE A 491 10.61 -19.15 -23.37
C PHE A 491 11.66 -18.90 -22.30
N LEU A 492 12.96 -19.06 -22.64
CA LEU A 492 14.09 -18.79 -21.75
C LEU A 492 14.19 -17.29 -21.52
N ILE A 493 14.00 -16.48 -22.58
CA ILE A 493 13.99 -15.02 -22.50
C ILE A 493 12.84 -14.58 -21.58
N ALA A 494 11.64 -15.19 -21.77
CA ALA A 494 10.42 -14.90 -21.01
C ALA A 494 10.53 -15.18 -19.50
N VAL A 495 11.09 -16.35 -19.13
CA VAL A 495 11.26 -16.70 -17.71
C VAL A 495 12.36 -15.82 -17.07
N ARG A 496 13.40 -15.45 -17.86
CA ARG A 496 14.49 -14.58 -17.40
C ARG A 496 13.98 -13.19 -17.07
N LEU A 497 13.02 -12.67 -17.89
CA LEU A 497 12.39 -11.37 -17.66
C LEU A 497 11.54 -11.42 -16.41
N ALA A 498 10.75 -12.51 -16.20
CA ALA A 498 9.94 -12.71 -15.00
C ALA A 498 10.80 -12.77 -13.73
N SER A 499 12.03 -13.34 -13.84
CA SER A 499 13.00 -13.44 -12.75
C SER A 499 13.59 -12.07 -12.43
N LEU A 500 13.70 -11.18 -13.45
CA LEU A 500 14.24 -9.81 -13.32
C LEU A 500 13.36 -8.93 -12.44
N ASN A 501 12.04 -9.18 -12.43
CA ASN A 501 11.09 -8.43 -11.61
C ASN A 501 11.41 -8.51 -10.11
N GLN A 502 11.89 -9.68 -9.64
CA GLN A 502 12.26 -9.89 -8.24
C GLN A 502 13.67 -9.37 -7.92
N ILE A 503 14.43 -8.93 -8.97
CA ILE A 503 15.75 -8.30 -8.82
C ILE A 503 15.51 -6.78 -8.68
N LEU A 504 14.52 -6.25 -9.46
CA LEU A 504 14.16 -4.84 -9.46
C LEU A 504 13.29 -4.45 -8.27
N ASP A 505 12.49 -5.38 -7.72
CA ASP A 505 11.60 -5.15 -6.56
C ASP A 505 12.26 -4.30 -5.43
N PRO A 506 13.44 -4.67 -4.84
CA PRO A 506 14.00 -3.81 -3.77
C PRO A 506 14.31 -2.39 -4.20
N TRP A 507 14.67 -2.19 -5.49
CA TRP A 507 15.00 -0.87 -6.03
C TRP A 507 13.74 -0.03 -6.23
N VAL A 508 12.68 -0.61 -6.83
CA VAL A 508 11.41 0.06 -7.12
C VAL A 508 10.71 0.46 -5.82
N TYR A 509 10.57 -0.47 -4.86
CA TYR A 509 9.88 -0.25 -3.59
C TYR A 509 10.63 0.51 -2.53
N LEU A 510 11.98 0.47 -2.51
CA LEU A 510 12.70 1.13 -1.41
C LEU A 510 14.02 1.84 -1.76
N LEU A 511 15.03 1.08 -2.22
CA LEU A 511 16.41 1.50 -2.46
C LEU A 511 16.62 2.74 -3.37
N LEU A 512 15.86 2.89 -4.48
CA LEU A 512 16.04 4.05 -5.38
C LEU A 512 15.66 5.38 -4.74
N ARG A 513 14.59 5.39 -3.92
CA ARG A 513 14.13 6.58 -3.19
C ARG A 513 15.14 6.91 -2.08
N LYS A 514 15.53 5.89 -1.28
CA LYS A 514 16.49 6.01 -0.17
C LYS A 514 17.88 6.47 -0.62
N ILE A 515 18.30 6.15 -1.86
CA ILE A 515 19.59 6.57 -2.41
C ILE A 515 19.46 7.90 -3.16
N LEU A 516 18.55 7.96 -4.18
CA LEU A 516 18.35 9.15 -5.01
C LEU A 516 17.26 10.11 -4.48
N GLY A 517 17.29 10.39 -3.18
CA GLY A 517 16.38 11.31 -2.52
C GLY A 517 16.79 12.77 -2.68
N ARG A 518 18.11 13.00 -2.86
CA ARG A 518 18.70 14.33 -3.07
C ARG A 518 18.42 14.90 -4.48
N PRO A 519 18.66 14.17 -5.63
CA PRO A 519 18.33 14.77 -6.94
C PRO A 519 16.87 15.15 -7.16
N LEU A 520 15.95 14.62 -6.31
CA LEU A 520 14.51 14.91 -6.32
C LEU A 520 14.31 16.40 -5.96
N GLU A 521 15.03 16.90 -4.94
CA GLU A 521 14.98 18.29 -4.50
C GLU A 521 15.67 19.21 -5.52
N VAL A 522 16.70 18.68 -6.21
CA VAL A 522 17.47 19.39 -7.24
C VAL A 522 16.63 19.64 -8.49
N LEU A 523 15.91 18.59 -8.97
CA LEU A 523 15.06 18.65 -10.15
C LEU A 523 13.77 19.43 -9.86
#